data_1EFD
#
_entry.id   1EFD
#
_cell.length_a   86.54
_cell.length_b   86.54
_cell.length_c   91.77
_cell.angle_alpha   90
_cell.angle_beta   90
_cell.angle_gamma   120
#
_symmetry.space_group_name_H-M   'P 63'
#
loop_
_entity.id
_entity.type
_entity.pdbx_description
1 polymer 'FERRICHROME-BINDING PERIPLASMIC PROTEIN'
2 non-polymer GALLICHROME
3 water water
#
_entity_poly.entity_id   1
_entity_poly.type   'polypeptide(L)'
_entity_poly.pdbx_seq_one_letter_code
;AGIDPNRIVALEWLPVELLLALGIVPYGVADTINYRLWVSEPPLPDSVIDVGLRTEPNLELLTEMKPSFMVWSAGYGPSP
EMLARIAPGRGFNFSDGKQPLAMARKSLTEMADLLNLQSAAETHLAQYEDFIRSMKPRFVKRGARPLLLTTLIDPRHMLV
FGPNSLFQEILDEYGIPNAWQGETNFWGSTAVSIDRLAAYKDVDVLCFDHDNSKDMDALMATPLWQAMPFVRAGRFQRVP
AVWFYGATLSAMHFVRVLDNAIGGKA
;
_entity_poly.pdbx_strand_id   N
#
# COMPACT_ATOMS: atom_id res chain seq x y z
N GLY A 2 6.56 -23.62 0.15
CA GLY A 2 5.83 -23.29 -1.12
C GLY A 2 6.55 -23.82 -2.33
N ILE A 3 7.05 -25.05 -2.18
CA ILE A 3 7.80 -25.78 -3.19
C ILE A 3 7.96 -25.14 -4.58
N ASP A 4 7.08 -25.41 -5.54
CA ASP A 4 7.25 -24.86 -6.90
C ASP A 4 7.04 -23.34 -6.96
N PRO A 5 8.12 -22.59 -7.18
CA PRO A 5 8.11 -21.12 -7.27
C PRO A 5 7.40 -20.56 -8.49
N ASN A 6 7.01 -21.42 -9.42
CA ASN A 6 6.32 -20.96 -10.61
C ASN A 6 4.82 -21.22 -10.51
N ARG A 7 4.39 -21.79 -9.39
CA ARG A 7 2.98 -22.08 -9.17
C ARG A 7 2.41 -21.49 -7.88
N ILE A 8 2.87 -20.28 -7.52
CA ILE A 8 2.41 -19.60 -6.32
C ILE A 8 1.26 -18.66 -6.68
N VAL A 9 0.14 -18.78 -5.97
CA VAL A 9 -1.01 -17.90 -6.20
C VAL A 9 -1.12 -16.93 -5.04
N ALA A 10 -1.15 -15.63 -5.36
CA ALA A 10 -1.28 -14.59 -4.35
C ALA A 10 -2.73 -14.10 -4.34
N LEU A 11 -3.39 -14.24 -3.20
CA LEU A 11 -4.80 -13.84 -3.07
C LEU A 11 -5.02 -12.41 -2.54
N GLU A 12 -3.95 -11.69 -2.25
CA GLU A 12 -4.05 -10.33 -1.75
C GLU A 12 -2.84 -9.59 -2.28
N TRP A 13 -2.92 -8.26 -2.38
CA TRP A 13 -1.82 -7.48 -2.94
C TRP A 13 -0.58 -7.28 -2.07
N LEU A 14 -0.71 -7.50 -0.76
CA LEU A 14 0.44 -7.37 0.14
C LEU A 14 1.46 -8.46 -0.26
N PRO A 15 1.03 -9.74 -0.22
CA PRO A 15 1.99 -10.80 -0.59
C PRO A 15 2.41 -10.84 -2.07
N VAL A 16 1.66 -10.17 -2.94
CA VAL A 16 2.01 -10.11 -4.36
C VAL A 16 3.34 -9.36 -4.35
N GLU A 17 3.33 -8.26 -3.62
CA GLU A 17 4.48 -7.40 -3.47
C GLU A 17 5.67 -8.13 -2.83
N LEU A 18 5.39 -9.04 -1.90
CA LEU A 18 6.47 -9.78 -1.25
C LEU A 18 7.10 -10.73 -2.28
N LEU A 19 6.26 -11.32 -3.13
CA LEU A 19 6.74 -12.23 -4.16
C LEU A 19 7.58 -11.51 -5.20
N LEU A 20 7.08 -10.38 -5.66
CA LEU A 20 7.78 -9.56 -6.66
C LEU A 20 9.14 -9.07 -6.17
N ALA A 21 9.23 -8.71 -4.90
CA ALA A 21 10.49 -8.23 -4.33
C ALA A 21 11.55 -9.33 -4.34
N LEU A 22 11.10 -10.59 -4.30
CA LEU A 22 12.01 -11.73 -4.31
C LEU A 22 12.23 -12.27 -5.73
N GLY A 23 11.69 -11.56 -6.73
CA GLY A 23 11.86 -11.99 -8.10
C GLY A 23 10.96 -13.10 -8.58
N ILE A 24 9.91 -13.42 -7.83
CA ILE A 24 8.98 -14.47 -8.25
C ILE A 24 7.90 -13.89 -9.15
N VAL A 25 7.51 -14.65 -10.17
CA VAL A 25 6.43 -14.23 -11.06
C VAL A 25 5.21 -15.02 -10.60
N PRO A 26 4.22 -14.35 -10.00
CA PRO A 26 3.02 -15.03 -9.53
C PRO A 26 2.32 -15.85 -10.61
N TYR A 27 1.94 -17.07 -10.27
CA TYR A 27 1.22 -17.98 -11.16
C TYR A 27 -0.18 -17.40 -11.35
N GLY A 28 -0.76 -16.94 -10.23
CA GLY A 28 -2.08 -16.34 -10.23
C GLY A 28 -2.13 -15.21 -9.22
N VAL A 29 -2.97 -14.22 -9.49
CA VAL A 29 -3.12 -13.07 -8.60
C VAL A 29 -4.59 -12.66 -8.61
N ALA A 30 -5.13 -12.42 -7.41
CA ALA A 30 -6.53 -12.00 -7.27
C ALA A 30 -6.70 -10.54 -7.61
N ASP A 31 -7.70 -10.26 -8.44
CA ASP A 31 -8.05 -8.91 -8.87
C ASP A 31 -6.91 -8.13 -9.52
N THR A 32 -6.48 -8.59 -10.70
CA THR A 32 -5.41 -7.93 -11.44
C THR A 32 -5.87 -6.59 -12.02
N ILE A 33 -7.18 -6.48 -12.29
CA ILE A 33 -7.74 -5.25 -12.85
C ILE A 33 -7.56 -4.07 -11.89
N ASN A 34 -8.05 -4.22 -10.66
CA ASN A 34 -7.94 -3.14 -9.69
C ASN A 34 -6.53 -2.98 -9.16
N TYR A 35 -5.73 -4.03 -9.25
CA TYR A 35 -4.34 -3.95 -8.82
C TYR A 35 -3.70 -2.83 -9.66
N ARG A 36 -4.07 -2.79 -10.93
CA ARG A 36 -3.53 -1.78 -11.85
C ARG A 36 -3.90 -0.37 -11.44
N LEU A 37 -5.09 -0.19 -10.87
CA LEU A 37 -5.56 1.13 -10.46
C LEU A 37 -5.03 1.60 -9.10
N TRP A 38 -4.94 0.69 -8.13
CA TRP A 38 -4.48 1.04 -6.79
C TRP A 38 -3.00 0.83 -6.44
N VAL A 39 -2.41 -0.25 -6.94
CA VAL A 39 -1.00 -0.54 -6.66
C VAL A 39 -0.18 0.00 -7.83
N SER A 40 -0.60 -0.35 -9.04
CA SER A 40 0.02 0.10 -10.29
C SER A 40 1.48 -0.25 -10.52
N GLU A 41 2.34 0.04 -9.53
CA GLU A 41 3.77 -0.21 -9.64
C GLU A 41 4.04 -1.68 -9.97
N PRO A 42 5.25 -2.23 -9.66
CA PRO A 42 5.41 -3.64 -10.07
C PRO A 42 4.27 -4.14 -10.95
N PRO A 43 4.23 -3.71 -12.23
CA PRO A 43 3.13 -4.18 -13.09
C PRO A 43 3.20 -5.69 -13.13
N LEU A 44 2.05 -6.33 -13.25
CA LEU A 44 2.02 -7.78 -13.30
C LEU A 44 2.08 -8.24 -14.75
N PRO A 45 3.06 -9.10 -15.09
CA PRO A 45 3.15 -9.58 -16.47
C PRO A 45 1.81 -10.15 -16.96
N ASP A 46 1.58 -10.11 -18.27
CA ASP A 46 0.32 -10.61 -18.80
C ASP A 46 0.09 -12.08 -18.55
N SER A 47 1.17 -12.84 -18.37
CA SER A 47 1.02 -14.27 -18.12
C SER A 47 0.21 -14.56 -16.87
N VAL A 48 0.28 -13.66 -15.89
CA VAL A 48 -0.42 -13.86 -14.63
C VAL A 48 -1.90 -14.15 -14.83
N ILE A 49 -2.38 -15.19 -14.16
CA ILE A 49 -3.77 -15.60 -14.22
C ILE A 49 -4.56 -14.86 -13.14
N ASP A 50 -5.65 -14.19 -13.54
CA ASP A 50 -6.49 -13.47 -12.60
C ASP A 50 -7.41 -14.50 -11.92
N VAL A 51 -7.33 -14.60 -10.60
CA VAL A 51 -8.15 -15.58 -9.90
C VAL A 51 -9.40 -15.02 -9.22
N GLY A 52 -9.83 -13.83 -9.65
CA GLY A 52 -11.02 -13.24 -9.09
C GLY A 52 -10.72 -12.22 -8.00
N LEU A 53 -11.77 -11.77 -7.32
CA LEU A 53 -11.63 -10.77 -6.24
C LEU A 53 -10.91 -11.36 -5.03
N ARG A 54 -10.14 -10.51 -4.36
CA ARG A 54 -9.41 -10.95 -3.17
C ARG A 54 -10.39 -11.41 -2.11
N THR A 55 -11.60 -10.84 -2.14
CA THR A 55 -12.64 -11.17 -1.17
C THR A 55 -13.54 -12.33 -1.57
N GLU A 56 -13.56 -12.65 -2.86
CA GLU A 56 -14.38 -13.75 -3.36
C GLU A 56 -13.66 -14.45 -4.52
N PRO A 57 -12.46 -14.99 -4.27
CA PRO A 57 -11.73 -15.66 -5.35
C PRO A 57 -12.46 -16.85 -5.96
N ASN A 58 -12.19 -17.08 -7.25
CA ASN A 58 -12.79 -18.19 -8.00
C ASN A 58 -12.23 -19.51 -7.45
N LEU A 59 -12.92 -20.11 -6.48
CA LEU A 59 -12.47 -21.36 -5.86
C LEU A 59 -12.38 -22.52 -6.83
N GLU A 60 -13.23 -22.48 -7.85
CA GLU A 60 -13.26 -23.49 -8.90
C GLU A 60 -11.93 -23.42 -9.67
N LEU A 61 -11.57 -22.21 -10.08
CA LEU A 61 -10.35 -21.95 -10.82
C LEU A 61 -9.13 -22.37 -10.00
N LEU A 62 -9.04 -21.89 -8.75
CA LEU A 62 -7.91 -22.22 -7.90
C LEU A 62 -7.70 -23.74 -7.80
N THR A 63 -8.79 -24.47 -7.66
CA THR A 63 -8.77 -25.93 -7.57
C THR A 63 -8.24 -26.55 -8.86
N GLU A 64 -8.68 -26.02 -10.01
CA GLU A 64 -8.22 -26.54 -11.29
C GLU A 64 -6.74 -26.21 -11.49
N MET A 65 -6.34 -25.02 -11.09
CA MET A 65 -4.95 -24.54 -11.20
C MET A 65 -3.93 -25.35 -10.42
N LYS A 66 -4.38 -25.95 -9.33
CA LYS A 66 -3.51 -26.73 -8.45
C LYS A 66 -2.27 -25.93 -8.08
N PRO A 67 -2.45 -24.85 -7.29
CA PRO A 67 -1.29 -24.04 -6.88
C PRO A 67 -0.37 -24.88 -5.99
N SER A 68 0.94 -24.60 -6.02
CA SER A 68 1.87 -25.33 -5.17
C SER A 68 1.79 -24.66 -3.79
N PHE A 69 1.44 -23.38 -3.79
CA PHE A 69 1.33 -22.63 -2.56
C PHE A 69 0.46 -21.41 -2.82
N MET A 70 -0.29 -20.99 -1.80
CA MET A 70 -1.13 -19.81 -1.92
C MET A 70 -0.79 -18.87 -0.77
N VAL A 71 -0.72 -17.57 -1.04
CA VAL A 71 -0.40 -16.60 -0.01
C VAL A 71 -1.49 -15.54 0.05
N TRP A 72 -1.80 -15.07 1.25
CA TRP A 72 -2.83 -14.07 1.45
C TRP A 72 -2.48 -13.16 2.62
N SER A 73 -3.38 -12.26 2.98
CA SER A 73 -3.15 -11.35 4.10
C SER A 73 -3.96 -11.75 5.31
N ALA A 74 -3.28 -11.91 6.44
CA ALA A 74 -3.92 -12.28 7.68
C ALA A 74 -5.07 -11.32 8.02
N GLY A 75 -6.22 -11.89 8.39
CA GLY A 75 -7.37 -11.09 8.76
C GLY A 75 -8.17 -10.48 7.63
N TYR A 76 -7.75 -10.75 6.40
CA TYR A 76 -8.43 -10.20 5.23
C TYR A 76 -8.86 -11.30 4.26
N GLY A 77 -10.04 -11.15 3.67
CA GLY A 77 -10.50 -12.13 2.70
C GLY A 77 -11.07 -13.43 3.21
N PRO A 78 -11.04 -14.48 2.38
CA PRO A 78 -11.56 -15.80 2.72
C PRO A 78 -10.96 -16.43 3.99
N SER A 79 -11.72 -17.38 4.55
CA SER A 79 -11.29 -18.09 5.74
C SER A 79 -10.00 -18.86 5.44
N PRO A 80 -8.95 -18.66 6.27
CA PRO A 80 -7.68 -19.37 6.05
C PRO A 80 -7.83 -20.89 6.19
N GLU A 81 -8.79 -21.32 7.00
CA GLU A 81 -9.06 -22.73 7.20
C GLU A 81 -9.59 -23.33 5.90
N MET A 82 -10.41 -22.56 5.19
CA MET A 82 -11.00 -23.00 3.92
C MET A 82 -9.95 -22.98 2.81
N LEU A 83 -9.14 -21.92 2.78
CA LEU A 83 -8.09 -21.79 1.77
C LEU A 83 -7.06 -22.91 1.90
N ALA A 84 -6.72 -23.25 3.14
CA ALA A 84 -5.75 -24.29 3.42
C ALA A 84 -6.24 -25.64 2.91
N ARG A 85 -7.55 -25.75 2.71
CA ARG A 85 -8.16 -26.97 2.21
C ARG A 85 -7.94 -27.11 0.69
N ILE A 86 -7.71 -25.97 0.03
CA ILE A 86 -7.50 -25.94 -1.43
C ILE A 86 -6.08 -26.33 -1.82
N ALA A 87 -5.09 -25.76 -1.13
CA ALA A 87 -3.70 -26.07 -1.42
C ALA A 87 -2.89 -25.54 -0.26
N PRO A 88 -1.59 -25.86 -0.20
CA PRO A 88 -0.77 -25.37 0.91
C PRO A 88 -0.74 -23.84 0.82
N GLY A 89 -0.66 -23.17 1.97
CA GLY A 89 -0.64 -21.73 1.97
C GLY A 89 -0.14 -21.08 3.24
N ARG A 90 -0.01 -19.77 3.21
CA ARG A 90 0.47 -19.00 4.35
C ARG A 90 -0.14 -17.60 4.34
N GLY A 91 -0.61 -17.15 5.48
CA GLY A 91 -1.18 -15.81 5.58
C GLY A 91 -0.09 -14.89 6.09
N PHE A 92 -0.04 -13.67 5.57
CA PHE A 92 0.97 -12.72 6.02
C PHE A 92 0.36 -11.52 6.73
N ASN A 93 1.06 -11.03 7.76
CA ASN A 93 0.60 -9.88 8.54
C ASN A 93 1.07 -8.58 7.93
N PHE A 94 0.15 -7.62 7.84
CA PHE A 94 0.49 -6.31 7.31
C PHE A 94 1.24 -5.49 8.35
N SER A 95 0.86 -5.69 9.61
CA SER A 95 1.43 -4.91 10.69
C SER A 95 1.22 -5.62 12.03
N ASP A 96 1.72 -4.99 13.09
CA ASP A 96 1.52 -5.50 14.45
C ASP A 96 0.54 -4.50 15.08
N GLY A 97 0.02 -3.61 14.25
CA GLY A 97 -0.92 -2.61 14.69
C GLY A 97 -0.25 -1.26 14.94
N LYS A 98 1.08 -1.23 14.84
CA LYS A 98 1.85 -0.02 15.09
C LYS A 98 2.87 0.28 14.00
N GLN A 99 3.67 -0.72 13.63
CA GLN A 99 4.70 -0.54 12.62
C GLN A 99 4.64 -1.50 11.45
N PRO A 100 3.91 -1.12 10.38
CA PRO A 100 3.76 -1.94 9.18
C PRO A 100 5.08 -2.33 8.49
N LEU A 101 6.00 -1.37 8.39
CA LEU A 101 7.29 -1.62 7.72
C LEU A 101 8.18 -2.61 8.46
N ALA A 102 8.15 -2.59 9.79
CA ALA A 102 8.94 -3.53 10.57
C ALA A 102 8.39 -4.91 10.20
N MET A 103 7.07 -5.01 10.13
CA MET A 103 6.42 -6.26 9.77
C MET A 103 6.77 -6.63 8.33
N ALA A 104 6.73 -5.65 7.44
CA ALA A 104 7.06 -5.88 6.03
C ALA A 104 8.44 -6.57 5.90
N ARG A 105 9.41 -6.11 6.67
CA ARG A 105 10.75 -6.70 6.63
C ARG A 105 10.74 -8.12 7.16
N LYS A 106 9.88 -8.40 8.15
CA LYS A 106 9.80 -9.76 8.71
C LYS A 106 9.09 -10.67 7.71
N SER A 107 8.03 -10.16 7.08
CA SER A 107 7.26 -10.93 6.10
C SER A 107 8.13 -11.32 4.90
N LEU A 108 8.95 -10.39 4.44
CA LEU A 108 9.82 -10.62 3.29
C LEU A 108 10.78 -11.77 3.62
N THR A 109 11.36 -11.70 4.83
CA THR A 109 12.30 -12.72 5.31
C THR A 109 11.61 -14.08 5.42
N GLU A 110 10.38 -14.05 5.95
CA GLU A 110 9.53 -15.22 6.15
C GLU A 110 9.24 -15.90 4.81
N MET A 111 8.82 -15.10 3.84
CA MET A 111 8.51 -15.59 2.50
C MET A 111 9.75 -16.21 1.87
N ALA A 112 10.87 -15.49 1.96
CA ALA A 112 12.12 -15.96 1.40
C ALA A 112 12.57 -17.28 2.02
N ASP A 113 12.34 -17.47 3.32
CA ASP A 113 12.75 -18.71 3.94
C ASP A 113 11.91 -19.86 3.40
N LEU A 114 10.62 -19.59 3.16
CA LEU A 114 9.73 -20.61 2.61
C LEU A 114 10.18 -21.00 1.22
N LEU A 115 10.61 -20.01 0.45
CA LEU A 115 11.03 -20.24 -0.94
C LEU A 115 12.54 -20.42 -1.13
N ASN A 116 13.28 -20.45 -0.03
CA ASN A 116 14.73 -20.58 -0.06
C ASN A 116 15.39 -19.54 -0.96
N LEU A 117 14.98 -18.30 -0.76
CA LEU A 117 15.53 -17.17 -1.51
C LEU A 117 16.09 -16.23 -0.44
N GLN A 118 16.73 -16.83 0.56
CA GLN A 118 17.31 -16.05 1.66
C GLN A 118 18.24 -14.94 1.17
N SER A 119 19.08 -15.24 0.19
CA SER A 119 20.00 -14.23 -0.36
C SER A 119 19.27 -13.10 -1.06
N ALA A 120 18.28 -13.46 -1.88
CA ALA A 120 17.49 -12.48 -2.61
C ALA A 120 16.81 -11.49 -1.66
N ALA A 121 16.37 -11.99 -0.51
CA ALA A 121 15.70 -11.15 0.48
C ALA A 121 16.66 -10.16 1.11
N GLU A 122 17.89 -10.60 1.40
CA GLU A 122 18.88 -9.72 2.01
C GLU A 122 19.32 -8.63 1.04
N THR A 123 19.53 -9.01 -0.23
CA THR A 123 19.93 -8.05 -1.24
C THR A 123 18.87 -6.98 -1.37
N HIS A 124 17.61 -7.42 -1.36
CA HIS A 124 16.49 -6.49 -1.47
C HIS A 124 16.35 -5.57 -0.27
N LEU A 125 16.44 -6.15 0.93
CA LEU A 125 16.32 -5.37 2.16
C LEU A 125 17.41 -4.33 2.21
N ALA A 126 18.59 -4.68 1.69
CA ALA A 126 19.72 -3.77 1.65
C ALA A 126 19.41 -2.64 0.66
N GLN A 127 18.86 -3.00 -0.51
CA GLN A 127 18.51 -2.00 -1.51
C GLN A 127 17.47 -1.06 -0.94
N TYR A 128 16.52 -1.64 -0.21
CA TYR A 128 15.47 -0.87 0.43
C TYR A 128 16.02 0.15 1.44
N GLU A 129 16.75 -0.32 2.45
CA GLU A 129 17.29 0.59 3.45
C GLU A 129 18.24 1.61 2.87
N ASP A 130 18.96 1.26 1.81
CA ASP A 130 19.87 2.21 1.21
C ASP A 130 19.10 3.29 0.47
N PHE A 131 18.04 2.89 -0.23
CA PHE A 131 17.24 3.85 -0.97
C PHE A 131 16.58 4.87 -0.06
N ILE A 132 15.96 4.40 1.01
CA ILE A 132 15.31 5.31 1.95
C ILE A 132 16.30 6.32 2.51
N ARG A 133 17.47 5.85 2.94
CA ARG A 133 18.48 6.73 3.50
C ARG A 133 19.04 7.71 2.46
N SER A 134 19.23 7.24 1.23
CA SER A 134 19.77 8.10 0.19
C SER A 134 18.88 9.29 -0.15
N MET A 135 17.57 9.11 -0.02
CA MET A 135 16.61 10.16 -0.35
C MET A 135 16.40 11.20 0.75
N LYS A 136 16.89 10.89 1.94
CA LYS A 136 16.75 11.77 3.09
C LYS A 136 17.02 13.26 2.81
N PRO A 137 18.14 13.59 2.13
CA PRO A 137 18.49 14.98 1.81
C PRO A 137 17.56 15.72 0.87
N ARG A 138 16.56 15.04 0.33
CA ARG A 138 15.63 15.70 -0.58
C ARG A 138 14.51 16.37 0.22
N PHE A 139 14.55 16.21 1.54
CA PHE A 139 13.54 16.80 2.40
C PHE A 139 14.17 17.52 3.58
N VAL A 140 15.42 17.95 3.39
CA VAL A 140 16.15 18.67 4.42
C VAL A 140 15.68 20.12 4.41
N LYS A 141 15.35 20.62 3.21
CA LYS A 141 14.89 21.99 3.05
C LYS A 141 13.63 22.35 3.82
N ARG A 142 12.62 21.49 3.77
CA ARG A 142 11.37 21.78 4.46
C ARG A 142 11.56 21.76 5.97
N GLY A 143 10.62 22.37 6.68
CA GLY A 143 10.71 22.42 8.14
C GLY A 143 9.85 21.38 8.80
N ALA A 144 9.14 21.79 9.84
CA ALA A 144 8.26 20.88 10.57
C ALA A 144 6.79 21.04 10.17
N ARG A 145 6.53 21.61 8.99
CA ARG A 145 5.15 21.75 8.55
C ARG A 145 4.58 20.35 8.38
N PRO A 146 3.50 20.03 9.11
CA PRO A 146 2.93 18.69 8.97
C PRO A 146 2.43 18.38 7.55
N LEU A 147 2.37 17.09 7.25
CA LEU A 147 1.90 16.61 5.96
C LEU A 147 0.70 15.72 6.19
N LEU A 148 -0.34 15.89 5.39
CA LEU A 148 -1.53 15.06 5.52
C LEU A 148 -1.60 14.18 4.29
N LEU A 149 -1.63 12.86 4.49
CA LEU A 149 -1.72 11.91 3.38
C LEU A 149 -3.17 11.45 3.30
N THR A 150 -3.76 11.60 2.11
CA THR A 150 -5.16 11.26 1.91
C THR A 150 -5.44 10.60 0.57
N THR A 151 -6.66 10.11 0.43
CA THR A 151 -7.15 9.52 -0.81
C THR A 151 -8.67 9.57 -0.72
N LEU A 152 -9.31 9.94 -1.82
CA LEU A 152 -10.76 10.05 -1.85
C LEU A 152 -11.45 8.71 -2.12
N ILE A 153 -12.33 8.31 -1.21
CA ILE A 153 -13.09 7.06 -1.37
C ILE A 153 -14.30 7.38 -2.26
N ASP A 154 -15.03 8.43 -1.87
CA ASP A 154 -16.19 8.91 -2.62
C ASP A 154 -16.31 10.37 -2.23
N PRO A 155 -17.10 11.17 -2.98
CA PRO A 155 -17.25 12.59 -2.66
C PRO A 155 -17.49 12.98 -1.21
N ARG A 156 -18.04 12.07 -0.40
CA ARG A 156 -18.33 12.36 1.01
C ARG A 156 -17.34 11.80 2.03
N HIS A 157 -16.36 11.01 1.59
CA HIS A 157 -15.39 10.43 2.52
C HIS A 157 -13.95 10.44 2.03
N MET A 158 -13.06 10.95 2.86
CA MET A 158 -11.65 10.98 2.54
C MET A 158 -10.93 10.07 3.52
N LEU A 159 -10.02 9.24 3.03
CA LEU A 159 -9.23 8.42 3.93
C LEU A 159 -8.04 9.26 4.30
N VAL A 160 -7.61 9.15 5.55
CA VAL A 160 -6.43 9.86 6.02
C VAL A 160 -5.54 8.78 6.63
N PHE A 161 -4.24 8.91 6.46
CA PHE A 161 -3.32 7.90 7.00
C PHE A 161 -2.61 8.40 8.23
N GLY A 162 -2.80 7.67 9.33
CA GLY A 162 -2.22 8.05 10.59
C GLY A 162 -0.86 7.47 10.98
N PRO A 163 -0.49 7.61 12.26
CA PRO A 163 0.76 7.16 12.88
C PRO A 163 1.13 5.70 12.69
N ASN A 164 0.16 4.82 12.50
CA ASN A 164 0.46 3.40 12.33
C ASN A 164 0.27 2.94 10.89
N SER A 165 0.26 3.89 9.97
CA SER A 165 0.13 3.59 8.55
C SER A 165 1.52 3.21 8.01
N LEU A 166 1.54 2.64 6.81
CA LEU A 166 2.81 2.22 6.18
C LEU A 166 3.78 3.40 6.05
N PHE A 167 3.24 4.55 5.66
CA PHE A 167 4.03 5.76 5.42
C PHE A 167 4.67 6.45 6.63
N GLN A 168 4.18 6.19 7.84
CA GLN A 168 4.71 6.87 9.01
C GLN A 168 6.23 6.73 9.23
N GLU A 169 6.74 5.49 9.17
CA GLU A 169 8.17 5.27 9.37
C GLU A 169 8.98 6.11 8.38
N ILE A 170 8.46 6.27 7.16
CA ILE A 170 9.14 7.07 6.16
C ILE A 170 9.15 8.54 6.61
N LEU A 171 7.97 9.06 6.94
CA LEU A 171 7.84 10.45 7.39
C LEU A 171 8.74 10.70 8.60
N ASP A 172 8.80 9.74 9.50
CA ASP A 172 9.64 9.83 10.69
C ASP A 172 11.11 9.95 10.32
N GLU A 173 11.54 9.15 9.36
CA GLU A 173 12.93 9.16 8.93
C GLU A 173 13.30 10.47 8.24
N TYR A 174 12.32 11.09 7.60
CA TYR A 174 12.55 12.34 6.89
C TYR A 174 12.23 13.58 7.73
N GLY A 175 11.84 13.37 8.97
CA GLY A 175 11.52 14.49 9.85
C GLY A 175 10.31 15.28 9.40
N ILE A 176 9.29 14.57 8.90
CA ILE A 176 8.05 15.20 8.43
C ILE A 176 6.92 14.78 9.38
N PRO A 177 6.38 15.73 10.16
CA PRO A 177 5.29 15.42 11.09
C PRO A 177 4.04 15.01 10.33
N ASN A 178 3.35 14.00 10.84
CA ASN A 178 2.11 13.56 10.21
C ASN A 178 1.00 14.45 10.77
N ALA A 179 0.25 15.10 9.90
CA ALA A 179 -0.82 15.98 10.36
C ALA A 179 -1.94 15.20 11.04
N TRP A 180 -2.10 13.93 10.68
CA TRP A 180 -3.18 13.16 11.29
C TRP A 180 -2.74 12.38 12.51
N GLN A 181 -3.27 12.78 13.66
CA GLN A 181 -2.96 12.14 14.93
C GLN A 181 -4.23 11.56 15.56
N GLY A 182 -5.30 11.52 14.78
CA GLY A 182 -6.56 10.98 15.25
C GLY A 182 -6.55 9.47 15.25
N GLU A 183 -7.75 8.87 15.32
CA GLU A 183 -7.87 7.42 15.34
C GLU A 183 -7.59 6.79 13.97
N THR A 184 -7.23 5.52 13.99
CA THR A 184 -6.95 4.76 12.77
C THR A 184 -7.34 3.31 13.03
N ASN A 185 -7.49 2.53 11.96
CA ASN A 185 -7.79 1.13 12.15
C ASN A 185 -6.45 0.39 12.13
N PHE A 186 -6.51 -0.93 12.16
CA PHE A 186 -5.30 -1.74 12.16
C PHE A 186 -4.42 -1.44 10.95
N TRP A 187 -5.05 -1.07 9.84
CA TRP A 187 -4.33 -0.78 8.61
C TRP A 187 -3.69 0.59 8.51
N GLY A 188 -3.93 1.43 9.53
CA GLY A 188 -3.33 2.75 9.56
C GLY A 188 -4.14 3.91 8.99
N SER A 189 -5.41 3.68 8.71
CA SER A 189 -6.23 4.75 8.15
C SER A 189 -7.62 4.83 8.75
N THR A 190 -8.32 5.89 8.37
CA THR A 190 -9.68 6.09 8.81
C THR A 190 -10.32 7.03 7.78
N ALA A 191 -11.64 6.93 7.62
CA ALA A 191 -12.36 7.76 6.68
C ALA A 191 -13.02 8.91 7.43
N VAL A 192 -12.88 10.12 6.93
CA VAL A 192 -13.46 11.29 7.57
C VAL A 192 -14.31 12.07 6.58
N SER A 193 -15.29 12.81 7.09
CA SER A 193 -16.13 13.64 6.24
C SER A 193 -15.24 14.78 5.81
N ILE A 194 -15.57 15.40 4.68
CA ILE A 194 -14.76 16.49 4.14
C ILE A 194 -14.56 17.67 5.08
N ASP A 195 -15.57 18.00 5.87
CA ASP A 195 -15.46 19.13 6.79
C ASP A 195 -14.36 18.93 7.83
N ARG A 196 -14.07 17.69 8.18
CA ARG A 196 -13.04 17.40 9.17
C ARG A 196 -11.66 17.83 8.63
N LEU A 197 -11.55 17.94 7.31
CA LEU A 197 -10.29 18.33 6.68
C LEU A 197 -10.05 19.83 6.74
N ALA A 198 -11.13 20.59 6.94
CA ALA A 198 -11.06 22.05 7.04
C ALA A 198 -10.38 22.52 8.31
N ALA A 199 -10.22 21.61 9.26
CA ALA A 199 -9.58 21.92 10.53
C ALA A 199 -8.08 22.16 10.35
N TYR A 200 -7.52 21.63 9.27
CA TYR A 200 -6.10 21.78 8.98
C TYR A 200 -5.77 23.06 8.25
N LYS A 201 -5.54 24.11 9.01
CA LYS A 201 -5.25 25.42 8.44
C LYS A 201 -3.92 25.46 7.68
N ASP A 202 -2.82 25.15 8.35
CA ASP A 202 -1.50 25.23 7.72
C ASP A 202 -0.71 23.92 7.57
N VAL A 203 -1.08 23.13 6.57
CA VAL A 203 -0.42 21.84 6.31
C VAL A 203 -0.33 21.55 4.80
N ASP A 204 0.59 20.65 4.43
CA ASP A 204 0.73 20.22 3.05
C ASP A 204 -0.15 18.98 2.93
N VAL A 205 -0.92 18.89 1.85
CA VAL A 205 -1.82 17.76 1.65
C VAL A 205 -1.60 17.04 0.33
N LEU A 206 -1.44 15.72 0.39
CA LEU A 206 -1.25 14.92 -0.80
C LEU A 206 -2.43 13.97 -0.88
N CYS A 207 -3.01 13.87 -2.07
CA CYS A 207 -4.15 12.98 -2.27
C CYS A 207 -3.83 11.99 -3.40
N PHE A 208 -3.71 10.71 -3.04
CA PHE A 208 -3.39 9.66 -4.01
C PHE A 208 -4.56 9.37 -4.92
N ASP A 209 -4.34 9.47 -6.23
CA ASP A 209 -5.38 9.20 -7.22
C ASP A 209 -5.46 7.70 -7.48
N HIS A 210 -6.62 7.25 -7.95
CA HIS A 210 -6.81 5.87 -8.31
C HIS A 210 -7.88 5.77 -9.39
N ASP A 211 -7.66 6.50 -10.48
CA ASP A 211 -8.57 6.51 -11.61
C ASP A 211 -9.96 6.95 -11.14
N ASN A 212 -9.99 8.01 -10.35
CA ASN A 212 -11.24 8.52 -9.81
C ASN A 212 -11.44 10.01 -10.09
N SER A 213 -11.11 10.44 -11.30
CA SER A 213 -11.24 11.84 -11.69
C SER A 213 -12.67 12.38 -11.56
N LYS A 214 -13.66 11.58 -11.95
CA LYS A 214 -15.05 12.00 -11.85
C LYS A 214 -15.41 12.31 -10.40
N ASP A 215 -14.88 11.49 -9.49
CA ASP A 215 -15.11 11.66 -8.06
C ASP A 215 -14.40 12.89 -7.53
N MET A 216 -13.15 13.06 -7.95
CA MET A 216 -12.36 14.22 -7.53
C MET A 216 -13.01 15.48 -8.04
N ASP A 217 -13.50 15.43 -9.28
CA ASP A 217 -14.16 16.57 -9.89
C ASP A 217 -15.34 17.03 -9.06
N ALA A 218 -16.14 16.07 -8.61
CA ALA A 218 -17.31 16.38 -7.81
C ALA A 218 -16.89 17.07 -6.52
N LEU A 219 -15.90 16.48 -5.85
CA LEU A 219 -15.37 16.99 -4.61
C LEU A 219 -14.87 18.43 -4.77
N MET A 220 -13.98 18.64 -5.74
CA MET A 220 -13.41 19.96 -5.97
C MET A 220 -14.39 21.03 -6.46
N ALA A 221 -15.60 20.61 -6.81
CA ALA A 221 -16.61 21.54 -7.27
C ALA A 221 -17.50 22.04 -6.13
N THR A 222 -17.37 21.43 -4.96
CA THR A 222 -18.17 21.85 -3.81
C THR A 222 -17.58 23.13 -3.23
N PRO A 223 -18.43 24.01 -2.68
CA PRO A 223 -17.95 25.26 -2.09
C PRO A 223 -17.03 24.98 -0.90
N LEU A 224 -17.28 23.88 -0.20
CA LEU A 224 -16.48 23.48 0.96
C LEU A 224 -15.03 23.25 0.52
N TRP A 225 -14.86 22.43 -0.51
CA TRP A 225 -13.52 22.14 -0.98
C TRP A 225 -12.78 23.38 -1.45
N GLN A 226 -13.49 24.28 -2.12
CA GLN A 226 -12.85 25.49 -2.60
C GLN A 226 -12.54 26.43 -1.46
N ALA A 227 -13.24 26.25 -0.35
CA ALA A 227 -13.06 27.08 0.84
C ALA A 227 -11.99 26.48 1.74
N MET A 228 -11.69 25.20 1.54
CA MET A 228 -10.70 24.48 2.34
C MET A 228 -9.47 25.36 2.55
N PRO A 229 -9.09 25.64 3.83
CA PRO A 229 -7.92 26.47 4.04
C PRO A 229 -6.62 26.01 3.35
N PHE A 230 -6.32 24.71 3.38
CA PHE A 230 -5.09 24.24 2.74
C PHE A 230 -5.18 24.32 1.21
N VAL A 231 -6.40 24.33 0.67
CA VAL A 231 -6.60 24.44 -0.79
C VAL A 231 -6.29 25.88 -1.20
N ARG A 232 -6.88 26.83 -0.47
CA ARG A 232 -6.67 28.25 -0.75
C ARG A 232 -5.22 28.64 -0.48
N ALA A 233 -4.56 27.92 0.43
CA ALA A 233 -3.18 28.22 0.74
C ALA A 233 -2.28 27.70 -0.36
N GLY A 234 -2.85 26.92 -1.28
CA GLY A 234 -2.09 26.36 -2.39
C GLY A 234 -1.23 25.18 -1.96
N ARG A 235 -1.68 24.46 -0.93
CA ARG A 235 -0.94 23.33 -0.38
C ARG A 235 -1.52 21.97 -0.74
N PHE A 236 -2.56 21.93 -1.57
CA PHE A 236 -3.14 20.65 -1.95
C PHE A 236 -2.56 20.13 -3.26
N GLN A 237 -2.23 18.85 -3.27
CA GLN A 237 -1.66 18.19 -4.44
C GLN A 237 -2.21 16.80 -4.67
N ARG A 238 -2.56 16.50 -5.92
CA ARG A 238 -3.01 15.16 -6.28
C ARG A 238 -1.74 14.42 -6.71
N VAL A 239 -1.56 13.18 -6.26
CA VAL A 239 -0.37 12.43 -6.63
C VAL A 239 -0.79 11.05 -7.13
N PRO A 240 0.12 10.35 -7.83
CA PRO A 240 -0.18 9.02 -8.38
C PRO A 240 -0.49 7.98 -7.30
N ALA A 241 -1.21 6.94 -7.70
CA ALA A 241 -1.56 5.87 -6.79
C ALA A 241 -0.32 5.18 -6.19
N VAL A 242 -0.41 4.86 -4.91
CA VAL A 242 0.64 4.15 -4.18
C VAL A 242 -0.17 3.23 -3.26
N TRP A 243 0.13 1.94 -3.22
CA TRP A 243 -0.64 1.04 -2.36
C TRP A 243 -0.31 1.33 -0.91
N PHE A 244 -1.33 1.66 -0.12
CA PHE A 244 -1.11 2.01 1.28
C PHE A 244 -1.00 0.82 2.23
N TYR A 245 -1.35 -0.36 1.75
CA TYR A 245 -1.33 -1.55 2.60
C TYR A 245 -0.38 -2.62 2.11
N GLY A 246 0.74 -2.20 1.51
CA GLY A 246 1.72 -3.13 1.00
C GLY A 246 2.94 -3.32 1.89
N ALA A 247 4.11 -3.37 1.27
CA ALA A 247 5.35 -3.59 1.99
C ALA A 247 6.47 -2.65 1.54
N THR A 248 7.69 -3.19 1.41
CA THR A 248 8.84 -2.37 1.00
C THR A 248 8.75 -1.74 -0.40
N LEU A 249 8.14 -2.45 -1.34
CA LEU A 249 8.00 -1.89 -2.68
C LEU A 249 7.04 -0.69 -2.64
N SER A 250 5.94 -0.83 -1.92
CA SER A 250 4.99 0.28 -1.80
C SER A 250 5.65 1.45 -1.09
N ALA A 251 6.48 1.16 -0.10
CA ALA A 251 7.18 2.19 0.66
C ALA A 251 8.13 2.99 -0.23
N MET A 252 8.90 2.29 -1.07
CA MET A 252 9.83 2.97 -1.98
C MET A 252 9.06 3.75 -3.04
N HIS A 253 7.91 3.21 -3.46
CA HIS A 253 7.09 3.87 -4.46
C HIS A 253 6.59 5.18 -3.83
N PHE A 254 6.27 5.13 -2.54
CA PHE A 254 5.80 6.31 -1.82
C PHE A 254 6.89 7.38 -1.81
N VAL A 255 8.13 6.98 -1.52
CA VAL A 255 9.25 7.93 -1.48
C VAL A 255 9.44 8.66 -2.81
N ARG A 256 9.31 7.93 -3.93
CA ARG A 256 9.45 8.54 -5.25
C ARG A 256 8.33 9.56 -5.47
N VAL A 257 7.11 9.17 -5.12
CA VAL A 257 5.95 10.07 -5.25
C VAL A 257 6.11 11.27 -4.31
N LEU A 258 6.54 10.99 -3.07
CA LEU A 258 6.75 12.01 -2.04
C LEU A 258 7.82 12.99 -2.52
N ASP A 259 8.85 12.43 -3.15
CA ASP A 259 9.96 13.23 -3.68
C ASP A 259 9.42 14.20 -4.73
N ASN A 260 8.76 13.64 -5.75
CA ASN A 260 8.22 14.44 -6.82
C ASN A 260 7.24 15.50 -6.34
N ALA A 261 6.48 15.18 -5.29
CA ALA A 261 5.49 16.10 -4.77
C ALA A 261 6.04 17.22 -3.89
N ILE A 262 6.95 16.90 -2.97
CA ILE A 262 7.48 17.92 -2.08
C ILE A 262 9.00 17.91 -1.91
N GLY A 263 9.69 17.09 -2.70
CA GLY A 263 11.13 17.03 -2.61
C GLY A 263 11.81 18.30 -3.10
#